data_3DGT
#
_entry.id   3DGT
#
_cell.length_a   39.509
_cell.length_b   75.967
_cell.length_c   79.663
_cell.angle_alpha   90.00
_cell.angle_beta   90.00
_cell.angle_gamma   90.00
#
_symmetry.space_group_name_H-M   'P 21 21 21'
#
loop_
_entity.id
_entity.type
_entity.pdbx_description
1 polymer Endo-1,3-beta-glucanase
2 non-polymer 'MAGNESIUM ION'
3 water water
#
_entity_poly.entity_id   1
_entity_poly.type   'polypeptide(L)'
_entity_poly.pdbx_seq_one_letter_code
;SAPAPPSGWSQVFLDDFDGAAGSSVNTANWQFDTGTSYPGGAGNWGTGEVESMTSSTSNVSLDGNGDLLITPRRDASGNW
TSGRIETTRTDFQPPAGGKLRVEARLQMPNVTGDAAAGYWPAFWMLGAPFRGNYQNWPGVGELDIMENVQGLNKTWATMH
CGTSPGGPCNETSGIGNSTACPNTTCQSGFHTYTMEWDRSVSPEAIRFSVDGVTYQTVTANQMDAATWTNATNHGFFVIL
NVAMGGGFPGAFGGGPTGATEPGHPMVVDYVQVTSLSPGL
;
_entity_poly.pdbx_strand_id   A
#
loop_
_chem_comp.id
_chem_comp.type
_chem_comp.name
_chem_comp.formula
MG non-polymer 'MAGNESIUM ION' 'Mg 2'
#
# COMPACT_ATOMS: atom_id res chain seq x y z
N SER A 1 -13.90 12.30 4.02
CA SER A 1 -13.70 12.67 2.59
C SER A 1 -12.40 13.41 2.37
N ALA A 2 -11.85 13.29 1.17
CA ALA A 2 -10.64 14.03 0.82
C ALA A 2 -10.90 15.52 0.90
N PRO A 3 -9.96 16.28 1.49
CA PRO A 3 -10.07 17.74 1.48
C PRO A 3 -9.63 18.25 0.11
N ALA A 4 -10.01 19.48 -0.21
CA ALA A 4 -9.55 20.10 -1.45
C ALA A 4 -8.02 20.14 -1.50
N PRO A 5 -7.41 19.88 -2.67
CA PRO A 5 -5.96 19.92 -2.77
C PRO A 5 -5.42 21.35 -2.67
N PRO A 6 -4.09 21.49 -2.49
CA PRO A 6 -3.47 22.82 -2.46
C PRO A 6 -3.53 23.50 -3.83
N SER A 7 -3.35 24.81 -3.85
CA SER A 7 -3.40 25.60 -5.07
C SER A 7 -2.48 25.03 -6.13
N GLY A 8 -3.01 24.93 -7.35
CA GLY A 8 -2.23 24.49 -8.50
C GLY A 8 -2.29 23.00 -8.79
N TRP A 9 -2.73 22.19 -7.81
CA TRP A 9 -2.82 20.75 -8.00
C TRP A 9 -4.16 20.36 -8.60
N SER A 10 -4.11 19.40 -9.53
CA SER A 10 -5.30 18.92 -10.21
C SER A 10 -5.56 17.47 -9.81
N GLN A 11 -6.83 17.09 -9.83
CA GLN A 11 -7.21 15.73 -9.51
C GLN A 11 -7.00 14.80 -10.70
N VAL A 12 -6.27 13.72 -10.45
CA VAL A 12 -6.06 12.66 -11.45
C VAL A 12 -6.98 11.47 -11.14
N PHE A 13 -7.11 11.13 -9.86
CA PHE A 13 -7.93 9.99 -9.44
C PHE A 13 -8.46 10.28 -8.05
N LEU A 14 -9.73 9.97 -7.82
CA LEU A 14 -10.24 9.98 -6.45
C LEU A 14 -11.32 8.94 -6.30
N ASP A 15 -11.12 8.01 -5.36
CA ASP A 15 -12.22 7.18 -4.91
C ASP A 15 -12.34 7.41 -3.42
N ASP A 16 -13.46 8.01 -3.03
CA ASP A 16 -13.73 8.32 -1.63
C ASP A 16 -14.63 7.28 -0.96
N PHE A 17 -14.91 6.17 -1.65
CA PHE A 17 -15.56 4.99 -1.04
C PHE A 17 -16.90 5.30 -0.40
N ASP A 18 -17.66 6.21 -1.01
CA ASP A 18 -19.01 6.50 -0.59
C ASP A 18 -19.95 5.46 -1.15
N GLY A 19 -21.02 5.22 -0.42
CA GLY A 19 -21.99 4.17 -0.77
C GLY A 19 -22.49 3.46 0.47
N ALA A 20 -23.52 2.63 0.31
CA ALA A 20 -24.20 2.04 1.46
C ALA A 20 -23.36 1.02 2.21
N ALA A 21 -23.59 0.93 3.52
CA ALA A 21 -22.93 -0.05 4.36
C ALA A 21 -23.10 -1.48 3.82
N GLY A 22 -21.98 -2.19 3.74
CA GLY A 22 -21.98 -3.59 3.35
C GLY A 22 -21.98 -3.79 1.85
N SER A 23 -22.00 -2.69 1.09
CA SER A 23 -22.02 -2.76 -0.36
C SER A 23 -20.64 -2.98 -0.94
N SER A 24 -20.64 -3.32 -2.23
CA SER A 24 -19.42 -3.66 -2.93
C SER A 24 -18.66 -2.43 -3.42
N VAL A 25 -17.34 -2.58 -3.58
CA VAL A 25 -16.45 -1.53 -4.09
C VAL A 25 -16.73 -1.22 -5.57
N ASN A 26 -16.38 0.00 -6.01
CA ASN A 26 -16.55 0.41 -7.41
C ASN A 26 -15.52 -0.25 -8.30
N THR A 27 -15.96 -1.27 -9.03
CA THR A 27 -15.06 -2.02 -9.89
C THR A 27 -14.72 -1.32 -11.20
N ALA A 28 -15.29 -0.13 -11.45
CA ALA A 28 -14.74 0.70 -12.52
C ALA A 28 -13.34 1.19 -12.12
N ASN A 29 -13.10 1.31 -10.80
CA ASN A 29 -11.84 1.81 -10.27
C ASN A 29 -10.90 0.74 -9.76
N TRP A 30 -11.47 -0.39 -9.33
CA TRP A 30 -10.71 -1.43 -8.61
C TRP A 30 -10.93 -2.81 -9.18
N GLN A 31 -9.86 -3.60 -9.18
CA GLN A 31 -9.95 -5.02 -9.47
C GLN A 31 -9.50 -5.85 -8.27
N PHE A 32 -10.09 -7.04 -8.13
CA PHE A 32 -9.78 -7.91 -7.01
C PHE A 32 -8.64 -8.87 -7.31
N ASP A 33 -7.71 -8.99 -6.37
CA ASP A 33 -6.74 -10.08 -6.39
C ASP A 33 -7.33 -11.17 -5.51
N THR A 34 -7.28 -12.42 -5.97
CA THR A 34 -7.91 -13.49 -5.22
C THR A 34 -7.01 -14.71 -5.08
N GLY A 35 -7.31 -15.54 -4.09
CA GLY A 35 -6.53 -16.75 -3.83
C GLY A 35 -5.24 -16.43 -3.14
N THR A 36 -4.23 -17.26 -3.42
CA THR A 36 -2.94 -17.18 -2.74
C THR A 36 -1.83 -16.67 -3.67
N SER A 37 -2.18 -16.26 -4.88
CA SER A 37 -1.19 -15.70 -5.80
C SER A 37 -1.87 -15.04 -6.99
N TYR A 38 -1.10 -14.21 -7.69
CA TYR A 38 -1.51 -13.80 -9.03
C TYR A 38 -1.61 -15.05 -9.90
N PRO A 39 -2.39 -14.97 -10.99
CA PRO A 39 -2.46 -16.11 -11.91
C PRO A 39 -1.12 -16.26 -12.61
N GLY A 40 -0.31 -17.20 -12.16
CA GLY A 40 1.04 -17.37 -12.70
C GLY A 40 2.08 -16.53 -11.96
N GLY A 41 1.73 -16.03 -10.78
CA GLY A 41 2.68 -15.31 -9.94
C GLY A 41 3.28 -16.16 -8.83
N ALA A 42 4.14 -15.55 -8.01
CA ALA A 42 4.80 -16.24 -6.90
C ALA A 42 3.79 -16.81 -5.90
N GLY A 43 4.12 -17.98 -5.34
CA GLY A 43 3.27 -18.59 -4.33
C GLY A 43 3.10 -17.71 -3.11
N ASN A 44 1.92 -17.78 -2.51
CA ASN A 44 1.60 -17.04 -1.30
C ASN A 44 1.98 -15.56 -1.36
N TRP A 45 1.64 -14.96 -2.48
CA TRP A 45 1.84 -13.52 -2.72
C TRP A 45 3.29 -13.09 -2.54
N GLY A 46 4.20 -14.06 -2.66
CA GLY A 46 5.64 -13.81 -2.55
C GLY A 46 6.18 -13.57 -1.16
N THR A 47 5.34 -13.67 -0.13
CA THR A 47 5.75 -13.26 1.23
C THR A 47 5.62 -14.35 2.28
N GLY A 48 5.04 -15.48 1.90
CA GLY A 48 4.72 -16.54 2.88
C GLY A 48 3.45 -16.29 3.67
N GLU A 49 2.73 -15.21 3.36
CA GLU A 49 1.48 -14.93 4.05
C GLU A 49 0.48 -16.06 3.85
N VAL A 50 -0.41 -16.24 4.82
CA VAL A 50 -1.20 -17.47 4.90
C VAL A 50 -2.67 -17.37 4.47
N GLU A 51 -3.16 -16.16 4.20
CA GLU A 51 -4.56 -15.99 3.85
C GLU A 51 -4.80 -16.31 2.38
N SER A 52 -6.06 -16.57 2.05
CA SER A 52 -6.52 -16.53 0.69
C SER A 52 -7.32 -15.24 0.52
N MET A 53 -7.00 -14.46 -0.51
CA MET A 53 -7.70 -13.21 -0.77
C MET A 53 -9.02 -13.51 -1.49
N THR A 54 -10.05 -12.73 -1.19
CA THR A 54 -11.36 -12.95 -1.82
C THR A 54 -12.00 -11.65 -2.24
N SER A 55 -13.04 -11.79 -3.06
CA SER A 55 -13.85 -10.67 -3.51
C SER A 55 -15.17 -10.58 -2.76
N SER A 56 -15.28 -11.33 -1.66
CA SER A 56 -16.45 -11.30 -0.80
C SER A 56 -16.53 -10.03 0.04
N THR A 57 -17.75 -9.56 0.29
CA THR A 57 -17.92 -8.39 1.17
C THR A 57 -17.63 -8.71 2.64
N SER A 58 -17.36 -9.97 2.95
CA SER A 58 -16.84 -10.33 4.25
C SER A 58 -15.41 -9.83 4.42
N ASN A 59 -14.73 -9.59 3.29
CA ASN A 59 -13.33 -9.12 3.29
C ASN A 59 -13.13 -7.74 2.68
N VAL A 60 -13.99 -7.34 1.75
CA VAL A 60 -13.88 -6.04 1.08
C VAL A 60 -15.28 -5.43 0.95
N SER A 61 -15.55 -4.34 1.67
CA SER A 61 -16.88 -3.75 1.63
C SER A 61 -16.81 -2.28 2.02
N LEU A 62 -17.92 -1.56 1.86
CA LEU A 62 -18.00 -0.19 2.36
C LEU A 62 -18.66 -0.16 3.73
N ASP A 63 -18.31 0.84 4.53
CA ASP A 63 -18.94 0.98 5.85
C ASP A 63 -20.20 1.85 5.89
N GLY A 64 -20.50 2.51 4.78
CA GLY A 64 -21.66 3.39 4.71
C GLY A 64 -21.39 4.80 5.19
N ASN A 65 -20.17 5.03 5.67
CA ASN A 65 -19.78 6.32 6.23
C ASN A 65 -18.65 6.96 5.46
N GLY A 66 -18.42 6.46 4.25
CA GLY A 66 -17.39 7.02 3.37
C GLY A 66 -16.08 6.26 3.38
N ASP A 67 -16.09 5.03 3.87
CA ASP A 67 -14.86 4.25 3.97
C ASP A 67 -14.96 2.86 3.38
N LEU A 68 -13.85 2.42 2.81
CA LEU A 68 -13.63 1.02 2.48
C LEU A 68 -13.20 0.27 3.74
N LEU A 69 -13.71 -0.95 3.90
CA LEU A 69 -13.24 -1.86 4.95
C LEU A 69 -12.57 -3.05 4.31
N ILE A 70 -11.31 -3.31 4.67
CA ILE A 70 -10.69 -4.58 4.32
C ILE A 70 -10.50 -5.35 5.61
N THR A 71 -11.22 -6.46 5.74
CA THR A 71 -11.28 -7.18 7.01
C THR A 71 -10.77 -8.61 6.93
N PRO A 72 -9.65 -8.94 7.62
CA PRO A 72 -9.24 -10.35 7.74
C PRO A 72 -10.27 -11.16 8.50
N ARG A 73 -10.53 -12.37 8.02
CA ARG A 73 -11.49 -13.28 8.66
C ARG A 73 -10.85 -14.64 8.86
N ARG A 74 -11.23 -15.31 9.94
CA ARG A 74 -10.76 -16.66 10.22
C ARG A 74 -11.97 -17.55 10.41
N ASP A 75 -12.16 -18.51 9.51
CA ASP A 75 -13.35 -19.36 9.58
C ASP A 75 -13.20 -20.42 10.68
N ALA A 76 -14.27 -21.19 10.89
CA ALA A 76 -14.28 -22.19 11.95
C ALA A 76 -13.30 -23.34 11.69
N SER A 77 -12.84 -23.47 10.45
CA SER A 77 -11.83 -24.46 10.10
C SER A 77 -10.39 -23.92 10.22
N GLY A 78 -10.24 -22.66 10.63
CA GLY A 78 -8.91 -22.07 10.84
C GLY A 78 -8.30 -21.39 9.62
N ASN A 79 -9.09 -21.25 8.56
CA ASN A 79 -8.62 -20.64 7.31
C ASN A 79 -8.75 -19.14 7.36
N TRP A 80 -7.67 -18.44 7.04
CA TRP A 80 -7.68 -16.99 6.93
C TRP A 80 -8.04 -16.52 5.54
N THR A 81 -8.91 -15.52 5.48
CA THR A 81 -9.18 -14.79 4.24
C THR A 81 -8.98 -13.30 4.48
N SER A 82 -8.70 -12.56 3.42
CA SER A 82 -8.63 -11.10 3.52
C SER A 82 -8.91 -10.50 2.16
N GLY A 83 -8.60 -9.21 2.01
CA GLY A 83 -8.83 -8.49 0.76
C GLY A 83 -7.56 -7.85 0.24
N ARG A 84 -7.50 -7.76 -1.09
CA ARG A 84 -6.38 -7.15 -1.83
C ARG A 84 -6.93 -6.63 -3.13
N ILE A 85 -7.06 -5.31 -3.22
CA ILE A 85 -7.60 -4.68 -4.43
C ILE A 85 -6.58 -3.79 -5.08
N GLU A 86 -6.63 -3.69 -6.41
CA GLU A 86 -5.72 -2.84 -7.18
C GLU A 86 -6.49 -1.92 -8.11
N THR A 87 -5.93 -0.75 -8.39
CA THR A 87 -6.60 0.13 -9.34
C THR A 87 -6.63 -0.54 -10.71
N THR A 88 -7.75 -0.37 -11.40
CA THR A 88 -7.81 -0.77 -12.81
C THR A 88 -6.76 0.02 -13.60
N ARG A 89 -6.58 1.29 -13.23
CA ARG A 89 -5.60 2.15 -13.88
C ARG A 89 -4.16 1.81 -13.49
N THR A 90 -3.28 1.89 -14.48
CA THR A 90 -1.86 1.63 -14.31
C THR A 90 -1.03 2.82 -14.78
N ASP A 91 -1.67 3.94 -15.04
CA ASP A 91 -1.03 5.03 -15.80
C ASP A 91 -0.37 6.13 -14.96
N PHE A 92 -0.54 6.08 -13.63
CA PHE A 92 -0.09 7.15 -12.74
C PHE A 92 1.40 7.40 -12.82
N GLN A 93 1.76 8.60 -13.30
CA GLN A 93 3.14 9.02 -13.52
C GLN A 93 3.10 10.50 -13.90
N PRO A 94 3.83 11.35 -13.16
CA PRO A 94 3.87 12.76 -13.53
C PRO A 94 4.74 12.94 -14.76
N PRO A 95 4.47 13.97 -15.59
CA PRO A 95 5.43 14.19 -16.68
C PRO A 95 6.71 14.80 -16.13
N ALA A 96 7.78 14.76 -16.93
CA ALA A 96 9.04 15.33 -16.50
C ALA A 96 8.85 16.82 -16.25
N GLY A 97 9.41 17.31 -15.16
CA GLY A 97 9.17 18.68 -14.72
C GLY A 97 8.01 18.79 -13.75
N GLY A 98 7.13 17.80 -13.76
CA GLY A 98 5.94 17.82 -12.91
C GLY A 98 6.08 17.07 -11.60
N LYS A 99 5.00 17.06 -10.83
CA LYS A 99 4.95 16.29 -9.58
C LYS A 99 3.66 15.50 -9.52
N LEU A 100 3.69 14.39 -8.77
CA LEU A 100 2.50 13.60 -8.49
C LEU A 100 2.41 13.36 -7.01
N ARG A 101 1.20 13.34 -6.46
CA ARG A 101 0.99 12.87 -5.08
C ARG A 101 -0.03 11.74 -5.09
N VAL A 102 0.33 10.65 -4.44
CA VAL A 102 -0.56 9.51 -4.26
C VAL A 102 -0.81 9.38 -2.77
N GLU A 103 -2.08 9.39 -2.37
CA GLU A 103 -2.43 9.55 -0.96
C GLU A 103 -3.60 8.71 -0.57
N ALA A 104 -3.55 8.16 0.64
CA ALA A 104 -4.71 7.51 1.23
C ALA A 104 -4.87 7.98 2.66
N ARG A 105 -6.11 8.15 3.08
CA ARG A 105 -6.40 8.45 4.47
C ARG A 105 -7.04 7.19 5.03
N LEU A 106 -6.43 6.63 6.07
CA LEU A 106 -6.84 5.33 6.57
C LEU A 106 -6.54 5.15 8.05
N GLN A 107 -7.28 4.23 8.66
CA GLN A 107 -7.03 3.75 10.00
C GLN A 107 -6.49 2.34 9.85
N MET A 108 -5.33 2.07 10.45
CA MET A 108 -4.81 0.71 10.48
C MET A 108 -5.70 -0.18 11.36
N PRO A 109 -5.76 -1.48 11.07
CA PRO A 109 -6.60 -2.37 11.88
C PRO A 109 -6.41 -2.10 13.37
N ASN A 110 -7.51 -1.84 14.06
CA ASN A 110 -7.43 -1.40 15.45
C ASN A 110 -7.37 -2.57 16.41
N VAL A 111 -6.15 -3.09 16.52
CA VAL A 111 -5.86 -4.27 17.33
C VAL A 111 -4.38 -4.22 17.69
N THR A 112 -4.05 -4.59 18.93
CA THR A 112 -2.67 -4.51 19.41
C THR A 112 -2.33 -5.78 20.19
N GLY A 113 -1.05 -5.96 20.48
CA GLY A 113 -0.59 -7.07 21.32
C GLY A 113 -0.72 -8.41 20.65
N ASP A 114 -0.93 -9.46 21.46
CA ASP A 114 -0.99 -10.82 20.91
C ASP A 114 -2.10 -10.98 19.88
N ALA A 115 -3.20 -10.25 20.07
CA ALA A 115 -4.34 -10.31 19.16
C ALA A 115 -4.03 -9.78 17.75
N ALA A 116 -2.99 -8.96 17.62
CA ALA A 116 -2.63 -8.33 16.35
C ALA A 116 -1.57 -9.10 15.59
N ALA A 117 -1.07 -10.21 16.16
CA ALA A 117 0.08 -10.87 15.58
C ALA A 117 -0.24 -11.39 14.18
N GLY A 118 0.52 -10.93 13.20
CA GLY A 118 0.31 -11.33 11.82
C GLY A 118 -0.34 -10.29 10.92
N TYR A 119 -1.04 -9.32 11.51
CA TYR A 119 -1.73 -8.28 10.73
C TYR A 119 -0.73 -7.44 9.95
N TRP A 120 -0.89 -7.42 8.62
CA TRP A 120 0.02 -6.67 7.75
C TRP A 120 -0.75 -5.83 6.73
N PRO A 121 -1.31 -4.69 7.18
CA PRO A 121 -1.96 -3.77 6.25
C PRO A 121 -0.93 -3.07 5.35
N ALA A 122 -1.37 -2.70 4.16
CA ALA A 122 -0.48 -2.04 3.20
C ALA A 122 -1.25 -1.18 2.21
N PHE A 123 -0.63 -0.08 1.82
CA PHE A 123 -1.11 0.83 0.77
C PHE A 123 0.12 1.15 -0.04
N TRP A 124 0.12 0.73 -1.29
CA TRP A 124 1.37 0.72 -2.05
C TRP A 124 1.16 0.82 -3.55
N MET A 125 2.27 0.92 -4.27
CA MET A 125 2.25 1.08 -5.72
C MET A 125 3.23 0.12 -6.35
N LEU A 126 2.87 -0.40 -7.51
CA LEU A 126 3.74 -1.29 -8.27
C LEU A 126 3.82 -0.83 -9.71
N GLY A 127 5.01 -0.90 -10.30
CA GLY A 127 5.19 -0.44 -11.68
C GLY A 127 4.29 -1.18 -12.66
N ALA A 128 3.73 -0.44 -13.60
CA ALA A 128 2.78 -0.99 -14.57
C ALA A 128 3.25 -2.28 -15.28
N PRO A 129 4.54 -2.36 -15.70
CA PRO A 129 4.95 -3.60 -16.36
C PRO A 129 4.84 -4.88 -15.54
N PHE A 130 4.63 -4.77 -14.23
CA PHE A 130 4.42 -5.96 -13.40
C PHE A 130 3.10 -6.65 -13.74
N ARG A 131 2.08 -5.87 -14.08
CA ARG A 131 0.76 -6.45 -14.33
C ARG A 131 0.79 -7.34 -15.57
N GLY A 132 0.32 -8.57 -15.42
CA GLY A 132 0.35 -9.54 -16.52
C GLY A 132 1.73 -10.12 -16.77
N ASN A 133 2.65 -9.89 -15.85
CA ASN A 133 4.03 -10.37 -15.97
C ASN A 133 4.38 -11.08 -14.66
N TYR A 134 4.40 -10.32 -13.56
CA TYR A 134 4.54 -10.88 -12.21
C TYR A 134 5.95 -11.38 -11.88
N GLN A 135 6.90 -11.16 -12.78
CA GLN A 135 8.22 -11.79 -12.66
C GLN A 135 9.37 -10.79 -12.71
N ASN A 136 9.05 -9.51 -12.55
CA ASN A 136 10.03 -8.44 -12.70
C ASN A 136 10.22 -7.57 -11.46
N TRP A 137 9.99 -8.17 -10.29
CA TRP A 137 10.29 -7.51 -9.00
C TRP A 137 11.74 -7.81 -8.59
N PRO A 138 12.46 -6.81 -8.03
CA PRO A 138 12.06 -5.44 -7.71
C PRO A 138 12.39 -4.43 -8.80
N GLY A 139 12.95 -4.88 -9.93
CA GLY A 139 13.45 -3.96 -10.94
C GLY A 139 12.39 -3.01 -11.47
N VAL A 140 11.15 -3.49 -11.50
CA VAL A 140 10.02 -2.73 -12.06
C VAL A 140 9.61 -1.54 -11.16
N GLY A 141 10.03 -1.58 -9.90
CA GLY A 141 9.74 -0.51 -8.95
C GLY A 141 8.52 -0.75 -8.09
N GLU A 142 8.68 -0.55 -6.79
CA GLU A 142 7.59 -0.63 -5.82
C GLU A 142 7.71 0.53 -4.86
N LEU A 143 6.62 1.25 -4.67
CA LEU A 143 6.58 2.33 -3.70
C LEU A 143 5.60 1.97 -2.61
N ASP A 144 6.13 1.61 -1.45
CA ASP A 144 5.31 1.25 -0.31
C ASP A 144 5.03 2.51 0.50
N ILE A 145 3.81 3.02 0.38
CA ILE A 145 3.45 4.32 0.98
C ILE A 145 3.09 4.16 2.47
N MET A 146 2.44 3.05 2.78
CA MET A 146 2.20 2.66 4.16
C MET A 146 2.27 1.14 4.26
N GLU A 147 3.11 0.65 5.17
CA GLU A 147 3.03 -0.73 5.64
C GLU A 147 3.09 -0.69 7.14
N ASN A 148 2.51 -1.72 7.75
CA ASN A 148 2.56 -1.87 9.20
C ASN A 148 2.45 -3.34 9.54
N VAL A 149 2.98 -3.72 10.70
CA VAL A 149 2.78 -5.06 11.23
C VAL A 149 2.49 -5.02 12.71
N GLN A 150 1.77 -6.05 13.18
CA GLN A 150 1.67 -6.36 14.61
C GLN A 150 0.90 -5.34 15.43
N GLY A 151 0.09 -4.50 14.77
CA GLY A 151 -0.63 -3.42 15.45
C GLY A 151 0.25 -2.42 16.15
N LEU A 152 1.51 -2.31 15.72
CA LEU A 152 2.44 -1.36 16.30
C LEU A 152 2.15 0.06 15.84
N ASN A 153 2.36 1.03 16.74
CA ASN A 153 2.16 2.44 16.38
C ASN A 153 3.32 2.99 15.55
N LYS A 154 3.40 2.51 14.32
CA LYS A 154 4.31 3.09 13.35
C LYS A 154 3.96 2.71 11.94
N THR A 155 4.36 3.58 11.02
CA THR A 155 4.21 3.36 9.60
C THR A 155 5.58 3.21 8.96
N TRP A 156 5.70 2.28 8.04
CA TRP A 156 6.89 2.09 7.21
C TRP A 156 6.60 2.56 5.79
N ALA A 157 7.55 3.30 5.21
CA ALA A 157 7.47 3.70 3.80
C ALA A 157 8.79 3.35 3.15
N THR A 158 8.71 2.79 1.94
CA THR A 158 9.87 2.15 1.32
C THR A 158 9.81 2.22 -0.20
N MET A 159 10.97 2.42 -0.83
CA MET A 159 11.10 2.13 -2.25
C MET A 159 11.90 0.87 -2.49
N HIS A 160 11.36 0.00 -3.35
CA HIS A 160 12.08 -1.17 -3.82
C HIS A 160 12.46 -0.99 -5.27
N CYS A 161 13.64 -1.49 -5.64
CA CYS A 161 14.23 -1.26 -6.96
C CYS A 161 15.46 -2.13 -7.17
N GLY A 162 15.96 -2.14 -8.41
CA GLY A 162 17.24 -2.73 -8.72
C GLY A 162 17.16 -4.25 -8.78
N THR A 163 18.04 -4.89 -8.01
CA THR A 163 18.10 -6.35 -7.94
C THR A 163 17.92 -6.81 -6.50
N SER A 164 17.59 -8.08 -6.33
CA SER A 164 17.43 -8.67 -5.00
C SER A 164 18.07 -10.04 -5.00
N PRO A 165 18.78 -10.40 -3.91
CA PRO A 165 19.05 -9.57 -2.73
C PRO A 165 20.11 -8.51 -3.02
N GLY A 166 20.17 -7.50 -2.18
CA GLY A 166 21.21 -6.48 -2.28
C GLY A 166 20.92 -5.42 -3.33
N GLY A 167 21.92 -5.10 -4.14
CA GLY A 167 21.79 -4.04 -5.14
C GLY A 167 21.69 -2.68 -4.47
N PRO A 168 21.49 -1.63 -5.28
CA PRO A 168 21.50 -0.27 -4.75
C PRO A 168 20.35 0.02 -3.80
N CYS A 169 19.28 -0.77 -3.89
CA CYS A 169 18.14 -0.56 -3.04
C CYS A 169 18.11 -1.47 -1.81
N ASN A 170 19.23 -2.14 -1.54
CA ASN A 170 19.42 -2.92 -0.31
C ASN A 170 18.25 -3.91 -0.11
N GLU A 171 17.96 -4.69 -1.14
CA GLU A 171 16.82 -5.61 -1.07
C GLU A 171 17.14 -6.80 -0.19
N THR A 172 16.18 -7.31 0.57
CA THR A 172 14.75 -6.99 0.47
C THR A 172 14.26 -5.90 1.40
N SER A 173 15.18 -5.25 2.11
CA SER A 173 14.80 -4.14 2.98
C SER A 173 14.27 -2.96 2.18
N GLY A 174 14.87 -2.69 1.02
CA GLY A 174 14.50 -1.51 0.24
C GLY A 174 15.06 -0.25 0.88
N ILE A 175 14.78 0.90 0.27
CA ILE A 175 15.20 2.19 0.82
C ILE A 175 13.99 2.73 1.58
N GLY A 176 14.01 2.58 2.90
CA GLY A 176 12.84 2.87 3.70
C GLY A 176 13.09 3.29 5.13
N ASN A 177 12.01 3.68 5.80
CA ASN A 177 12.07 4.19 7.16
C ASN A 177 10.74 3.90 7.84
N SER A 178 10.72 4.00 9.16
CA SER A 178 9.48 3.91 9.91
C SER A 178 9.43 5.09 10.87
N THR A 179 8.21 5.48 11.25
CA THR A 179 8.01 6.51 12.25
C THR A 179 6.64 6.34 12.89
N ALA A 180 6.48 6.80 14.13
CA ALA A 180 5.19 6.77 14.80
C ALA A 180 4.20 7.71 14.11
N CYS A 181 2.92 7.38 14.14
CA CYS A 181 1.94 8.34 13.63
C CYS A 181 1.92 9.57 14.52
N PRO A 182 1.93 10.75 13.92
CA PRO A 182 1.78 11.96 14.72
C PRO A 182 0.46 12.03 15.49
N ASN A 183 0.55 12.56 16.72
CA ASN A 183 -0.57 12.92 17.59
C ASN A 183 -1.32 11.77 18.24
N THR A 184 -1.77 10.84 17.42
CA THR A 184 -2.54 9.68 17.87
C THR A 184 -1.93 8.45 17.22
N THR A 185 -2.20 7.27 17.77
CA THR A 185 -1.65 6.05 17.19
C THR A 185 -2.24 5.79 15.81
N CYS A 186 -1.49 5.08 14.97
CA CYS A 186 -1.96 4.70 13.66
C CYS A 186 -3.22 3.84 13.72
N GLN A 187 -3.37 3.09 14.81
CA GLN A 187 -4.50 2.17 15.00
C GLN A 187 -5.76 2.86 15.49
N SER A 188 -5.60 4.01 16.14
CA SER A 188 -6.71 4.66 16.84
C SER A 188 -7.73 5.34 15.94
N GLY A 189 -7.31 5.71 14.73
CA GLY A 189 -8.16 6.50 13.84
C GLY A 189 -7.44 6.83 12.55
N PHE A 190 -7.98 7.81 11.83
CA PHE A 190 -7.44 8.15 10.52
C PHE A 190 -6.11 8.86 10.58
N HIS A 191 -5.26 8.53 9.61
CA HIS A 191 -4.07 9.28 9.30
C HIS A 191 -3.93 9.32 7.80
N THR A 192 -3.15 10.27 7.30
CA THR A 192 -2.96 10.46 5.86
C THR A 192 -1.56 10.01 5.49
N TYR A 193 -1.46 9.14 4.48
CA TYR A 193 -0.18 8.59 4.03
C TYR A 193 0.01 9.00 2.59
N THR A 194 1.15 9.66 2.32
CA THR A 194 1.34 10.34 1.04
C THR A 194 2.70 10.06 0.44
N MET A 195 2.71 9.86 -0.88
CA MET A 195 3.93 9.75 -1.65
C MET A 195 3.92 10.91 -2.64
N GLU A 196 4.95 11.75 -2.58
CA GLU A 196 5.16 12.76 -3.61
C GLU A 196 6.33 12.37 -4.51
N TRP A 197 6.04 12.32 -5.80
CA TRP A 197 7.00 11.94 -6.83
C TRP A 197 7.33 13.23 -7.56
N ASP A 198 8.55 13.69 -7.36
CA ASP A 198 8.98 15.02 -7.79
C ASP A 198 9.95 14.92 -8.97
N ARG A 199 9.45 15.24 -10.16
CA ARG A 199 10.29 15.25 -11.35
C ARG A 199 10.66 16.67 -11.75
N SER A 200 10.56 17.60 -10.80
CA SER A 200 10.84 19.02 -11.08
C SER A 200 12.27 19.43 -10.77
N VAL A 201 13.04 18.52 -10.18
CA VAL A 201 14.41 18.80 -9.73
C VAL A 201 15.34 17.68 -10.18
N SER A 202 16.63 18.00 -10.28
CA SER A 202 17.66 16.99 -10.47
C SER A 202 18.57 16.99 -9.24
N PRO A 203 18.71 15.84 -8.56
CA PRO A 203 18.13 14.54 -8.90
C PRO A 203 16.64 14.47 -8.57
N GLU A 204 15.91 13.67 -9.34
CA GLU A 204 14.50 13.42 -9.07
C GLU A 204 14.37 12.80 -7.69
N ALA A 205 13.23 13.05 -7.05
CA ALA A 205 13.03 12.59 -5.67
C ALA A 205 11.64 12.03 -5.46
N ILE A 206 11.57 11.09 -4.53
CA ILE A 206 10.30 10.57 -4.05
C ILE A 206 10.27 10.79 -2.53
N ARG A 207 9.22 11.43 -2.02
CA ARG A 207 9.12 11.71 -0.59
C ARG A 207 7.89 11.08 0.00
N PHE A 208 8.08 10.33 1.08
CA PHE A 208 6.98 9.70 1.80
C PHE A 208 6.68 10.45 3.08
N SER A 209 5.40 10.70 3.31
CA SER A 209 4.96 11.44 4.50
C SER A 209 3.77 10.79 5.19
N VAL A 210 3.61 11.13 6.47
CA VAL A 210 2.42 10.77 7.23
C VAL A 210 1.90 12.05 7.88
N ASP A 211 0.61 12.30 7.71
CA ASP A 211 -0.04 13.52 8.22
C ASP A 211 0.75 14.77 7.85
N GLY A 212 1.27 14.78 6.62
CA GLY A 212 1.98 15.94 6.10
C GLY A 212 3.44 16.06 6.53
N VAL A 213 3.97 15.05 7.25
CA VAL A 213 5.34 15.11 7.77
C VAL A 213 6.22 14.10 7.04
N THR A 214 7.26 14.58 6.37
CA THR A 214 8.11 13.72 5.56
C THR A 214 9.09 12.92 6.41
N TYR A 215 9.09 11.59 6.23
CA TYR A 215 10.00 10.73 7.00
C TYR A 215 10.97 9.90 6.18
N GLN A 216 10.70 9.74 4.89
CA GLN A 216 11.63 9.07 3.99
C GLN A 216 11.68 9.78 2.65
N THR A 217 12.89 10.05 2.20
CA THR A 217 13.12 10.58 0.86
C THR A 217 14.08 9.66 0.12
N VAL A 218 13.79 9.45 -1.15
CA VAL A 218 14.63 8.65 -2.03
C VAL A 218 14.97 9.55 -3.21
N THR A 219 16.24 9.60 -3.60
CA THR A 219 16.64 10.39 -4.77
C THR A 219 17.26 9.51 -5.84
N ALA A 220 17.14 9.97 -7.09
CA ALA A 220 17.57 9.19 -8.25
C ALA A 220 19.04 8.82 -8.21
N ASN A 221 19.86 9.67 -7.59
CA ASN A 221 21.29 9.43 -7.59
C ASN A 221 21.72 8.35 -6.60
N GLN A 222 20.76 7.76 -5.89
CA GLN A 222 21.03 6.62 -5.00
C GLN A 222 21.25 5.33 -5.77
N MET A 223 21.02 5.37 -7.08
CA MET A 223 21.19 4.19 -7.93
C MET A 223 21.63 4.66 -9.31
N ASP A 224 22.04 3.73 -10.18
CA ASP A 224 22.42 4.14 -11.53
C ASP A 224 21.20 4.52 -12.38
N ALA A 225 21.45 5.17 -13.52
CA ALA A 225 20.38 5.65 -14.40
C ALA A 225 19.44 4.54 -14.84
N ALA A 226 20.00 3.40 -15.26
CA ALA A 226 19.17 2.28 -15.71
C ALA A 226 18.23 1.78 -14.60
N THR A 227 18.75 1.65 -13.38
CA THR A 227 17.95 1.19 -12.25
C THR A 227 16.78 2.15 -11.96
N TRP A 228 17.05 3.44 -12.00
CA TRP A 228 16.01 4.46 -11.76
C TRP A 228 14.97 4.44 -12.87
N THR A 229 15.44 4.35 -14.11
CA THR A 229 14.58 4.26 -15.30
C THR A 229 13.66 3.04 -15.21
N ASN A 230 14.24 1.89 -14.91
CA ASN A 230 13.49 0.64 -14.81
C ASN A 230 12.42 0.74 -13.73
N ALA A 231 12.77 1.41 -12.63
CA ALA A 231 11.89 1.51 -11.48
C ALA A 231 10.82 2.58 -11.62
N THR A 232 11.06 3.61 -12.44
CA THR A 232 10.17 4.78 -12.44
C THR A 232 9.71 5.29 -13.80
N ASN A 233 10.29 4.81 -14.89
CA ASN A 233 9.88 5.33 -16.20
C ASN A 233 8.68 4.61 -16.81
N HIS A 234 7.56 4.72 -16.11
CA HIS A 234 6.32 4.07 -16.47
C HIS A 234 5.26 4.49 -15.46
N GLY A 235 4.01 4.18 -15.77
CA GLY A 235 2.95 4.31 -14.77
C GLY A 235 3.10 3.31 -13.64
N PHE A 236 2.27 3.53 -12.61
CA PHE A 236 2.11 2.60 -11.50
C PHE A 236 0.61 2.35 -11.30
N PHE A 237 0.29 1.18 -10.76
CA PHE A 237 -1.03 0.96 -10.17
C PHE A 237 -0.93 0.99 -8.64
N VAL A 238 -2.07 1.18 -7.98
CA VAL A 238 -2.17 1.31 -6.53
C VAL A 238 -2.81 0.05 -5.97
N ILE A 239 -2.32 -0.40 -4.82
CA ILE A 239 -2.83 -1.60 -4.15
C ILE A 239 -3.19 -1.29 -2.70
N LEU A 240 -4.33 -1.82 -2.24
CA LEU A 240 -4.71 -1.82 -0.82
C LEU A 240 -4.93 -3.26 -0.38
N ASN A 241 -4.37 -3.65 0.75
CA ASN A 241 -4.57 -5.00 1.27
C ASN A 241 -4.35 -5.11 2.75
N VAL A 242 -4.84 -6.19 3.33
CA VAL A 242 -4.35 -6.62 4.64
C VAL A 242 -3.89 -8.07 4.52
N ALA A 243 -2.58 -8.25 4.48
CA ALA A 243 -2.00 -9.59 4.51
C ALA A 243 -2.07 -10.13 5.93
N MET A 244 -2.05 -11.46 6.06
CA MET A 244 -1.97 -12.13 7.35
C MET A 244 -0.75 -13.05 7.37
N GLY A 245 0.21 -12.70 8.23
CA GLY A 245 1.45 -13.48 8.35
C GLY A 245 2.46 -13.11 7.29
N GLY A 246 3.43 -13.99 7.10
CA GLY A 246 4.50 -13.73 6.12
C GLY A 246 5.73 -13.09 6.72
N GLY A 247 6.61 -12.65 5.85
CA GLY A 247 7.96 -12.27 6.27
C GLY A 247 8.07 -11.03 7.13
N PHE A 248 7.27 -10.02 6.83
CA PHE A 248 7.35 -8.75 7.60
C PHE A 248 6.89 -9.00 9.05
N PRO A 249 5.68 -9.55 9.26
CA PRO A 249 5.36 -9.89 10.66
C PRO A 249 6.35 -10.88 11.27
N GLY A 250 6.93 -11.75 10.44
CA GLY A 250 7.92 -12.71 10.92
C GLY A 250 9.15 -12.09 11.54
N ALA A 251 9.48 -10.87 11.10
CA ALA A 251 10.64 -10.16 11.60
C ALA A 251 10.32 -9.40 12.90
N PHE A 252 9.04 -9.36 13.25
CA PHE A 252 8.54 -8.66 14.44
C PHE A 252 7.69 -9.56 15.35
N GLY A 253 8.10 -10.82 15.46
CA GLY A 253 7.47 -11.75 16.41
C GLY A 253 6.60 -12.85 15.83
N GLY A 254 6.33 -12.77 14.53
CA GLY A 254 5.56 -13.81 13.85
C GLY A 254 4.06 -13.65 13.93
N GLY A 255 3.36 -14.68 13.46
CA GLY A 255 1.91 -14.65 13.39
C GLY A 255 1.41 -15.04 12.00
N PRO A 256 0.12 -15.38 11.88
CA PRO A 256 -0.84 -15.34 12.97
C PRO A 256 -0.62 -16.50 13.93
N THR A 257 -1.18 -16.39 15.12
CA THR A 257 -1.17 -17.45 16.11
C THR A 257 -2.62 -17.75 16.46
N GLY A 258 -2.85 -18.70 17.36
CA GLY A 258 -4.19 -18.98 17.86
C GLY A 258 -4.84 -17.81 18.57
N ALA A 259 -4.02 -16.87 19.02
CA ALA A 259 -4.51 -15.68 19.72
C ALA A 259 -4.90 -14.53 18.80
N THR A 260 -4.40 -14.54 17.56
CA THR A 260 -4.75 -13.47 16.63
C THR A 260 -6.25 -13.37 16.46
N GLU A 261 -6.78 -12.15 16.64
CA GLU A 261 -8.21 -11.89 16.48
C GLU A 261 -8.56 -11.44 15.07
N PRO A 262 -9.46 -12.16 14.39
CA PRO A 262 -9.94 -11.67 13.10
C PRO A 262 -10.91 -10.50 13.31
N GLY A 263 -11.32 -9.88 12.22
CA GLY A 263 -12.44 -8.94 12.28
C GLY A 263 -12.08 -7.50 12.53
N HIS A 264 -10.79 -7.15 12.46
CA HIS A 264 -10.35 -5.77 12.61
C HIS A 264 -9.99 -5.18 11.26
N PRO A 265 -10.88 -4.35 10.68
CA PRO A 265 -10.61 -3.83 9.34
C PRO A 265 -9.56 -2.73 9.25
N MET A 266 -8.86 -2.68 8.12
CA MET A 266 -8.26 -1.42 7.71
C MET A 266 -9.40 -0.59 7.15
N VAL A 267 -9.51 0.65 7.61
CA VAL A 267 -10.61 1.55 7.26
C VAL A 267 -10.05 2.67 6.39
N VAL A 268 -10.43 2.69 5.12
CA VAL A 268 -9.84 3.63 4.15
C VAL A 268 -10.86 4.66 3.69
N ASP A 269 -10.67 5.92 4.07
CA ASP A 269 -11.57 6.99 3.64
C ASP A 269 -11.47 7.27 2.14
N TYR A 270 -10.26 7.32 1.63
CA TYR A 270 -10.07 7.59 0.22
C TYR A 270 -8.68 7.20 -0.25
N VAL A 271 -8.57 7.04 -1.57
CA VAL A 271 -7.30 7.03 -2.29
C VAL A 271 -7.39 8.14 -3.32
N GLN A 272 -6.36 8.97 -3.38
CA GLN A 272 -6.35 10.13 -4.29
C GLN A 272 -5.00 10.30 -4.95
N VAL A 273 -5.04 10.57 -6.25
CA VAL A 273 -3.85 10.94 -7.02
C VAL A 273 -4.06 12.36 -7.53
N THR A 274 -3.07 13.22 -7.28
CA THR A 274 -3.09 14.58 -7.80
C THR A 274 -1.79 14.90 -8.54
N SER A 275 -1.86 15.92 -9.40
CA SER A 275 -0.74 16.26 -10.26
C SER A 275 -0.46 17.75 -10.18
N LEU A 276 0.81 18.10 -10.29
CA LEU A 276 1.25 19.49 -10.40
C LEU A 276 2.01 19.61 -11.73
N SER A 277 1.56 20.54 -12.57
CA SER A 277 2.17 20.78 -13.88
C SER A 277 3.62 21.24 -13.77
N PRO A 278 4.45 20.94 -14.79
CA PRO A 278 5.79 21.54 -14.85
C PRO A 278 5.76 23.05 -14.71
MG MG B . -14.26 8.44 1.85
#